data_3C7A
#
_entry.id   3C7A
#
_cell.length_a   99.816
_cell.length_b   99.816
_cell.length_c   126.513
_cell.angle_alpha   90.00
_cell.angle_beta   90.00
_cell.angle_gamma   90.00
#
_symmetry.space_group_name_H-M   'P 41 21 2'
#
loop_
_entity.id
_entity.type
_entity.pdbx_description
1 polymer 'Octopine dehydrogenase'
2 non-polymer NICOTINAMIDE-ADENINE-DINUCLEOTIDE
3 non-polymer 1,2-ETHANEDIOL
4 water water
#
_entity_poly.entity_id   1
_entity_poly.type   'polypeptide(L)'
_entity_poly.pdbx_seq_one_letter_code
;MTVKVCVCGGGNGAHTLSGLAASRDGVEVRVLTLFADEAERWTKALGADELTVIVNEKDGTQTEVKSRPKVITKDPEIAI
SGADVVILTVPAFAHEGYFQAMAPYVQDSALIVGLPSQAGFEFQCRDILGDKAAAVSMMSFETLPWACRIKEFGRKVEVL
GTKSVLAASLIKGTAKTVDPLSTLQMLHGAEPVFRLAKHFLEMLIMSYSFVHPAILFGRWGSWDGKPVPEAPLFYQGIDQ
ATADMLTACSNECKDVANAIMAACPGNDLSDVKDIYQWYLEYYHEDIQDDHDLYHAITTNKSYKGLVHPVKAVDGGVAPD
FGNRYLTEDIPMGMIVFKGVAIAAGVAIPSNDKLIMWAQEKIGKEYLVDGALTGKDVATTRCPQRYGFNTLDAILTGKKH
HHHH
;
_entity_poly.pdbx_strand_id   A
#
# COMPACT_ATOMS: atom_id res chain seq x y z
N THR A 2 9.51 29.26 2.54
CA THR A 2 8.69 28.48 1.58
C THR A 2 9.06 27.00 1.61
N VAL A 3 8.06 26.14 1.81
CA VAL A 3 8.24 24.69 1.75
C VAL A 3 7.88 24.20 0.34
N LYS A 4 8.80 23.44 -0.27
CA LYS A 4 8.63 22.97 -1.65
C LYS A 4 8.31 21.47 -1.72
N VAL A 5 7.22 21.14 -2.43
CA VAL A 5 6.66 19.78 -2.46
C VAL A 5 6.45 19.27 -3.89
N CYS A 6 6.92 18.04 -4.16
CA CYS A 6 6.70 17.36 -5.45
C CYS A 6 5.77 16.14 -5.30
N VAL A 7 4.69 16.13 -6.08
CA VAL A 7 3.73 15.01 -6.11
C VAL A 7 3.92 14.16 -7.38
N CYS A 8 4.05 12.85 -7.20
CA CYS A 8 4.27 11.92 -8.32
C CYS A 8 3.02 11.10 -8.65
N GLY A 9 2.50 11.25 -9.87
CA GLY A 9 1.31 10.51 -10.35
C GLY A 9 0.23 11.35 -11.01
N GLY A 10 -0.83 10.71 -11.48
CA GLY A 10 -1.94 11.40 -12.14
C GLY A 10 -3.34 10.80 -12.07
N GLY A 11 -3.61 10.02 -11.02
CA GLY A 11 -4.92 9.36 -10.87
C GLY A 11 -5.83 10.02 -9.85
N ASN A 12 -6.72 9.22 -9.23
CA ASN A 12 -7.68 9.70 -8.24
C ASN A 12 -6.99 10.36 -7.02
N GLY A 13 -5.94 9.70 -6.52
CA GLY A 13 -5.19 10.19 -5.36
C GLY A 13 -4.36 11.43 -5.61
N ALA A 14 -3.74 11.50 -6.80
CA ALA A 14 -2.88 12.63 -7.17
C ALA A 14 -3.65 13.92 -7.41
N HIS A 15 -4.86 13.81 -7.96
CA HIS A 15 -5.76 14.96 -8.16
C HIS A 15 -6.14 15.61 -6.82
N THR A 16 -6.54 14.78 -5.85
CA THR A 16 -6.97 15.25 -4.52
C THR A 16 -5.84 15.92 -3.73
N LEU A 17 -4.67 15.28 -3.67
CA LEU A 17 -3.53 15.79 -2.90
C LEU A 17 -2.99 17.13 -3.44
N SER A 18 -2.90 17.26 -4.76
CA SER A 18 -2.40 18.47 -5.42
C SER A 18 -3.26 19.71 -5.15
N GLY A 19 -4.58 19.53 -5.17
CA GLY A 19 -5.53 20.61 -4.93
C GLY A 19 -5.54 21.14 -3.51
N LEU A 20 -5.45 20.24 -2.53
CA LEU A 20 -5.47 20.62 -1.11
C LEU A 20 -4.18 21.30 -0.66
N ALA A 21 -3.04 20.74 -1.06
CA ALA A 21 -1.71 21.25 -0.69
C ALA A 21 -1.41 22.65 -1.25
N ALA A 22 -1.84 22.90 -2.48
CA ALA A 22 -1.60 24.18 -3.16
C ALA A 22 -2.48 25.33 -2.65
N SER A 23 -3.42 25.02 -1.77
CA SER A 23 -4.30 26.04 -1.18
C SER A 23 -3.76 26.64 0.12
N ARG A 24 -2.65 26.08 0.61
CA ARG A 24 -2.05 26.51 1.88
C ARG A 24 -1.03 27.65 1.68
N ASP A 25 -1.06 28.62 2.59
CA ASP A 25 -0.11 29.75 2.56
C ASP A 25 1.31 29.31 2.86
N GLY A 26 2.25 29.72 2.00
CA GLY A 26 3.67 29.41 2.18
C GLY A 26 4.14 28.08 1.62
N VAL A 27 3.43 27.56 0.61
CA VAL A 27 3.76 26.28 -0.02
C VAL A 27 3.79 26.40 -1.56
N GLU A 28 4.79 25.77 -2.18
CA GLU A 28 4.91 25.69 -3.64
C GLU A 28 4.86 24.23 -4.13
N VAL A 29 3.95 23.93 -5.05
CA VAL A 29 3.69 22.56 -5.51
C VAL A 29 4.09 22.32 -6.97
N ARG A 30 4.82 21.22 -7.21
CA ARG A 30 5.16 20.75 -8.55
C ARG A 30 4.64 19.33 -8.80
N VAL A 31 4.09 19.09 -9.99
CA VAL A 31 3.52 17.79 -10.36
C VAL A 31 4.36 17.10 -11.45
N LEU A 32 4.71 15.83 -11.21
CA LEU A 32 5.46 15.02 -12.17
C LEU A 32 4.74 13.70 -12.50
N THR A 33 4.58 13.43 -13.79
CA THR A 33 4.01 12.16 -14.28
C THR A 33 4.78 11.62 -15.51
N LEU A 34 5.03 10.31 -15.53
CA LEU A 34 5.86 9.68 -16.56
C LEU A 34 5.11 8.74 -17.51
N PHE A 35 3.77 8.78 -17.47
CA PHE A 35 2.95 7.91 -18.32
C PHE A 35 2.69 8.54 -19.69
N ALA A 36 3.56 8.21 -20.66
CA ALA A 36 3.53 8.79 -22.00
C ALA A 36 3.50 10.33 -21.97
N ASP A 37 2.50 10.93 -22.61
CA ASP A 37 2.36 12.40 -22.64
C ASP A 37 1.19 12.90 -21.77
N GLU A 38 1.03 12.30 -20.59
CA GLU A 38 -0.06 12.63 -19.66
C GLU A 38 0.00 14.08 -19.14
N ALA A 39 1.21 14.61 -18.97
CA ALA A 39 1.42 15.97 -18.45
C ALA A 39 0.92 17.07 -19.41
N GLU A 40 1.16 16.88 -20.71
CA GLU A 40 0.67 17.82 -21.73
C GLU A 40 -0.85 17.81 -21.87
N ARG A 41 -1.45 16.63 -21.68
CA ARG A 41 -2.91 16.48 -21.71
C ARG A 41 -3.60 17.22 -20.56
N TRP A 42 -3.00 17.16 -19.37
CA TRP A 42 -3.49 17.86 -18.18
C TRP A 42 -3.47 19.38 -18.34
N THR A 43 -2.33 19.90 -18.81
CA THR A 43 -2.13 21.36 -18.98
C THR A 43 -3.12 21.99 -19.98
N LYS A 44 -3.41 21.26 -21.05
CA LYS A 44 -4.31 21.75 -22.10
C LYS A 44 -5.78 21.79 -21.67
N ALA A 45 -6.18 20.80 -20.87
CA ALA A 45 -7.57 20.69 -20.40
C ALA A 45 -7.93 21.73 -19.32
N LEU A 46 -6.96 22.06 -18.47
CA LEU A 46 -7.17 23.03 -17.39
C LEU A 46 -7.19 24.48 -17.89
N GLY A 47 -6.24 24.83 -18.75
CA GLY A 47 -6.13 26.18 -19.30
C GLY A 47 -5.78 27.23 -18.25
N ALA A 48 -6.58 28.29 -18.20
CA ALA A 48 -6.39 29.39 -17.25
C ALA A 48 -7.25 29.27 -15.99
N ASP A 49 -8.02 28.18 -15.88
CA ASP A 49 -8.95 27.99 -14.77
C ASP A 49 -8.29 27.37 -13.52
N GLU A 50 -9.07 27.27 -12.44
CA GLU A 50 -8.61 26.68 -11.17
C GLU A 50 -9.10 25.24 -10.99
N LEU A 51 -8.32 24.44 -10.28
CA LEU A 51 -8.69 23.05 -9.96
C LEU A 51 -9.64 23.01 -8.75
N THR A 52 -10.68 22.20 -8.84
CA THR A 52 -11.74 22.16 -7.82
C THR A 52 -11.87 20.80 -7.11
N VAL A 53 -11.88 20.84 -5.77
CA VAL A 53 -12.11 19.66 -4.94
C VAL A 53 -13.42 19.81 -4.14
N ILE A 54 -14.34 18.87 -4.32
CA ILE A 54 -15.64 18.88 -3.63
C ILE A 54 -15.64 17.88 -2.47
N VAL A 55 -15.90 18.39 -1.26
CA VAL A 55 -15.83 17.58 -0.03
C VAL A 55 -17.20 17.37 0.62
N ASN A 56 -17.62 16.11 0.73
CA ASN A 56 -18.84 15.73 1.42
C ASN A 56 -18.64 15.70 2.94
N GLU A 57 -19.48 16.42 3.67
CA GLU A 57 -19.35 16.54 5.12
C GLU A 57 -20.29 15.60 5.88
N LYS A 58 -20.17 15.59 7.20
CA LYS A 58 -20.98 14.73 8.06
C LYS A 58 -22.43 15.23 8.22
N ASP A 59 -22.62 16.53 8.01
CA ASP A 59 -23.95 17.15 8.10
C ASP A 59 -24.84 16.75 6.92
N GLY A 60 -24.23 16.60 5.76
CA GLY A 60 -24.96 16.38 4.51
C GLY A 60 -24.69 17.51 3.52
N THR A 61 -23.93 18.50 3.97
CA THR A 61 -23.54 19.66 3.16
C THR A 61 -22.26 19.38 2.35
N GLN A 62 -21.88 20.34 1.50
CA GLN A 62 -20.68 20.21 0.66
C GLN A 62 -19.82 21.48 0.69
N THR A 63 -18.50 21.29 0.65
CA THR A 63 -17.54 22.40 0.66
C THR A 63 -16.62 22.32 -0.57
N GLU A 64 -16.34 23.48 -1.18
CA GLU A 64 -15.46 23.57 -2.35
C GLU A 64 -14.10 24.19 -2.04
N VAL A 65 -13.05 23.63 -2.65
CA VAL A 65 -11.68 24.15 -2.51
C VAL A 65 -11.07 24.38 -3.91
N LYS A 66 -10.52 25.58 -4.13
CA LYS A 66 -9.95 25.96 -5.43
C LYS A 66 -8.51 26.47 -5.33
N SER A 67 -7.64 25.98 -6.22
CA SER A 67 -6.22 26.37 -6.26
C SER A 67 -5.55 26.10 -7.62
N ARG A 68 -4.29 26.55 -7.75
CA ARG A 68 -3.50 26.34 -8.97
C ARG A 68 -2.03 26.00 -8.66
N PRO A 69 -1.56 24.82 -9.12
CA PRO A 69 -0.16 24.41 -8.96
C PRO A 69 0.82 25.26 -9.80
N LYS A 70 2.09 25.26 -9.41
CA LYS A 70 3.14 26.03 -10.07
C LYS A 70 3.48 25.49 -11.48
N VAL A 71 3.68 24.17 -11.58
CA VAL A 71 4.02 23.53 -12.86
C VAL A 71 3.59 22.06 -12.93
N ILE A 72 3.20 21.61 -14.12
CA ILE A 72 2.86 20.21 -14.39
C ILE A 72 3.67 19.71 -15.60
N THR A 73 4.58 18.77 -15.37
CA THR A 73 5.60 18.40 -16.36
C THR A 73 6.03 16.92 -16.33
N LYS A 74 6.82 16.52 -17.34
CA LYS A 74 7.44 15.19 -17.38
C LYS A 74 8.96 15.22 -17.18
N ASP A 75 9.51 16.42 -16.99
CA ASP A 75 10.95 16.63 -16.83
C ASP A 75 11.36 16.60 -15.35
N PRO A 76 12.15 15.58 -14.95
CA PRO A 76 12.60 15.42 -13.56
C PRO A 76 13.57 16.51 -13.05
N GLU A 77 14.30 17.15 -13.95
CA GLU A 77 15.26 18.20 -13.57
C GLU A 77 14.55 19.45 -13.01
N ILE A 78 13.39 19.77 -13.57
CA ILE A 78 12.58 20.90 -13.10
C ILE A 78 11.81 20.55 -11.81
N ALA A 79 11.24 19.35 -11.75
CA ALA A 79 10.35 18.94 -10.66
C ALA A 79 11.05 18.58 -9.33
N ILE A 80 12.20 17.92 -9.42
CA ILE A 80 12.88 17.37 -8.24
C ILE A 80 13.91 18.32 -7.60
N SER A 81 14.57 19.13 -8.41
CA SER A 81 15.65 20.01 -7.93
C SER A 81 15.20 21.02 -6.87
N GLY A 82 15.77 20.91 -5.68
CA GLY A 82 15.48 21.84 -4.57
C GLY A 82 14.30 21.49 -3.69
N ALA A 83 13.68 20.33 -3.94
CA ALA A 83 12.48 19.91 -3.20
C ALA A 83 12.77 19.44 -1.77
N ASP A 84 11.90 19.82 -0.83
CA ASP A 84 12.02 19.43 0.57
C ASP A 84 11.29 18.13 0.90
N VAL A 85 10.21 17.84 0.17
CA VAL A 85 9.39 16.63 0.35
C VAL A 85 9.01 16.04 -1.01
N VAL A 86 9.09 14.70 -1.13
CA VAL A 86 8.69 13.97 -2.35
C VAL A 86 7.71 12.83 -2.00
N ILE A 87 6.50 12.89 -2.56
CA ILE A 87 5.41 11.97 -2.21
C ILE A 87 4.88 11.15 -3.40
N LEU A 88 4.88 9.83 -3.26
CA LEU A 88 4.43 8.91 -4.31
C LEU A 88 3.02 8.34 -4.05
N THR A 89 2.08 8.63 -4.94
CA THR A 89 0.69 8.17 -4.80
C THR A 89 0.15 7.51 -6.10
N VAL A 90 0.51 6.24 -6.29
CA VAL A 90 0.21 5.46 -7.51
C VAL A 90 0.14 3.95 -7.20
N PRO A 91 -0.38 3.13 -8.14
CA PRO A 91 -0.23 1.67 -8.03
C PRO A 91 1.24 1.24 -7.96
N ALA A 92 1.49 0.14 -7.24
CA ALA A 92 2.85 -0.28 -6.86
C ALA A 92 3.81 -0.63 -8.00
N PHE A 93 3.28 -1.11 -9.12
CA PHE A 93 4.13 -1.51 -10.25
C PHE A 93 4.83 -0.33 -10.95
N ALA A 94 4.41 0.89 -10.62
CA ALA A 94 4.97 2.10 -11.23
C ALA A 94 6.07 2.78 -10.39
N HIS A 95 6.36 2.24 -9.21
CA HIS A 95 7.35 2.83 -8.31
C HIS A 95 8.79 2.80 -8.84
N GLU A 96 9.16 1.72 -9.52
CA GLU A 96 10.52 1.55 -10.08
C GLU A 96 10.93 2.71 -11.00
N GLY A 97 10.00 3.16 -11.84
CA GLY A 97 10.24 4.24 -12.78
C GLY A 97 10.56 5.59 -12.15
N TYR A 98 9.90 5.89 -11.04
CA TYR A 98 10.10 7.16 -10.32
C TYR A 98 11.43 7.24 -9.55
N PHE A 99 11.84 6.11 -8.95
CA PHE A 99 13.12 6.03 -8.24
C PHE A 99 14.32 6.23 -9.17
N GLN A 100 14.25 5.63 -10.37
CA GLN A 100 15.31 5.77 -11.38
C GLN A 100 15.46 7.20 -11.92
N ALA A 101 14.33 7.89 -12.09
CA ALA A 101 14.32 9.25 -12.65
C ALA A 101 14.82 10.33 -11.69
N MET A 102 14.56 10.15 -10.39
CA MET A 102 14.90 11.16 -9.37
C MET A 102 16.35 11.09 -8.87
N ALA A 103 17.01 9.97 -9.11
CA ALA A 103 18.34 9.67 -8.55
C ALA A 103 19.42 10.78 -8.68
N PRO A 104 19.61 11.35 -9.88
CA PRO A 104 20.69 12.34 -10.02
C PRO A 104 20.36 13.76 -9.52
N TYR A 105 19.14 14.00 -9.05
CA TYR A 105 18.69 15.36 -8.71
C TYR A 105 18.26 15.58 -7.25
N VAL A 106 18.08 14.50 -6.49
CA VAL A 106 17.58 14.59 -5.10
C VAL A 106 18.66 15.03 -4.09
N GLN A 107 18.31 15.96 -3.20
CA GLN A 107 19.26 16.50 -2.21
C GLN A 107 19.35 15.67 -0.91
N ASP A 108 20.45 15.84 -0.18
CA ASP A 108 20.73 15.09 1.05
C ASP A 108 19.65 15.19 2.13
N SER A 109 19.03 16.37 2.26
CA SER A 109 18.07 16.62 3.34
C SER A 109 16.59 16.35 2.99
N ALA A 110 16.35 15.57 1.94
CA ALA A 110 14.99 15.29 1.47
C ALA A 110 14.25 14.22 2.29
N LEU A 111 12.93 14.34 2.35
CA LEU A 111 12.04 13.36 2.99
C LEU A 111 11.18 12.66 1.93
N ILE A 112 11.35 11.34 1.81
CA ILE A 112 10.64 10.53 0.79
C ILE A 112 9.49 9.72 1.41
N VAL A 113 8.28 9.89 0.87
CA VAL A 113 7.03 9.35 1.46
C VAL A 113 6.25 8.43 0.50
N GLY A 114 5.77 7.30 1.03
CA GLY A 114 4.88 6.40 0.28
C GLY A 114 3.44 6.42 0.78
N LEU A 115 2.52 6.82 -0.10
CA LEU A 115 1.11 7.04 0.29
C LEU A 115 0.11 6.40 -0.70
N PRO A 116 -0.15 5.08 -0.56
CA PRO A 116 0.45 4.11 0.37
C PRO A 116 1.69 3.40 -0.21
N SER A 117 2.51 2.85 0.68
CA SER A 117 3.76 2.23 0.28
C SER A 117 3.54 0.84 -0.31
N GLN A 118 2.71 0.05 0.32
CA GLN A 118 2.70 -1.41 0.18
C GLN A 118 4.07 -2.09 0.63
N ALA A 119 4.28 -3.33 0.29
CA ALA A 119 5.32 -4.16 0.91
C ALA A 119 6.58 -4.19 0.07
N GLY A 120 7.72 -3.97 0.72
CA GLY A 120 9.02 -3.97 0.02
C GLY A 120 9.52 -2.60 -0.45
N PHE A 121 8.85 -1.54 0.02
CA PHE A 121 9.16 -0.16 -0.35
C PHE A 121 10.61 0.24 -0.03
N GLU A 122 11.06 -0.09 1.18
CA GLU A 122 12.38 0.30 1.69
C GLU A 122 13.55 -0.43 1.01
N PHE A 123 13.37 -1.72 0.72
CA PHE A 123 14.40 -2.53 0.04
C PHE A 123 14.70 -2.00 -1.37
N GLN A 124 13.64 -1.60 -2.08
CA GLN A 124 13.75 -1.08 -3.46
C GLN A 124 14.47 0.26 -3.53
N CYS A 125 14.15 1.16 -2.58
CA CYS A 125 14.77 2.49 -2.49
C CYS A 125 16.29 2.40 -2.24
N ARG A 126 16.69 1.48 -1.36
CA ARG A 126 18.10 1.26 -1.02
C ARG A 126 18.93 0.78 -2.22
N ASP A 127 18.36 -0.13 -3.02
CA ASP A 127 19.03 -0.71 -4.18
C ASP A 127 19.33 0.31 -5.29
N ILE A 128 18.35 1.18 -5.58
CA ILE A 128 18.44 2.11 -6.70
C ILE A 128 19.23 3.39 -6.37
N LEU A 129 19.06 3.92 -5.16
CA LEU A 129 19.74 5.17 -4.75
C LEU A 129 21.18 4.98 -4.25
N GLY A 130 21.49 3.80 -3.72
CA GLY A 130 22.84 3.48 -3.26
C GLY A 130 23.23 4.15 -1.95
N ASP A 131 24.40 4.78 -1.94
CA ASP A 131 24.92 5.48 -0.76
C ASP A 131 24.05 6.65 -0.30
N LYS A 132 23.37 7.29 -1.26
CA LYS A 132 22.45 8.41 -0.97
C LYS A 132 21.30 8.03 -0.01
N ALA A 133 20.92 6.75 -0.03
CA ALA A 133 19.82 6.24 0.80
C ALA A 133 20.11 6.26 2.31
N ALA A 134 21.37 6.43 2.68
CA ALA A 134 21.78 6.52 4.09
C ALA A 134 21.73 7.96 4.63
N ALA A 135 21.55 8.93 3.74
CA ALA A 135 21.47 10.34 4.11
C ALA A 135 20.03 10.84 4.30
N VAL A 136 19.12 10.42 3.41
CA VAL A 136 17.70 10.81 3.46
C VAL A 136 16.89 10.02 4.51
N SER A 137 15.60 10.36 4.63
CA SER A 137 14.65 9.63 5.50
C SER A 137 13.54 8.95 4.69
N MET A 138 13.01 7.83 5.21
CA MET A 138 11.95 7.06 4.52
C MET A 138 10.70 6.86 5.40
N MET A 139 9.52 7.30 4.89
CA MET A 139 8.25 7.32 5.64
C MET A 139 7.14 6.51 4.92
N SER A 140 6.47 5.60 5.65
CA SER A 140 5.48 4.67 5.04
C SER A 140 4.09 4.62 5.72
N PHE A 141 3.04 4.97 4.97
CA PHE A 141 1.64 5.00 5.47
C PHE A 141 0.87 3.69 5.21
N GLU A 142 -0.13 3.41 6.05
CA GLU A 142 -0.88 2.14 6.01
C GLU A 142 -1.89 1.97 4.85
N THR A 143 -2.55 3.05 4.47
CA THR A 143 -3.51 3.07 3.34
C THR A 143 -3.77 4.52 2.87
N LEU A 144 -4.63 4.70 1.86
CA LEU A 144 -4.99 6.03 1.36
C LEU A 144 -5.95 6.76 2.32
N PRO A 145 -5.69 8.07 2.58
CA PRO A 145 -6.51 8.88 3.50
C PRO A 145 -8.00 9.08 3.13
N TRP A 146 -8.33 9.01 1.83
CA TRP A 146 -9.70 9.27 1.38
C TRP A 146 -10.26 8.17 0.47
N ALA A 147 -11.59 8.14 0.35
CA ALA A 147 -12.27 7.44 -0.75
C ALA A 147 -12.69 8.49 -1.78
N CYS A 148 -12.14 8.40 -2.98
CA CYS A 148 -12.25 9.48 -3.98
C CYS A 148 -12.36 9.00 -5.44
N ARG A 149 -13.00 9.82 -6.28
CA ARG A 149 -13.18 9.52 -7.71
C ARG A 149 -13.21 10.78 -8.59
N ILE A 150 -12.53 10.72 -9.73
CA ILE A 150 -12.48 11.82 -10.72
C ILE A 150 -13.83 12.00 -11.43
N LYS A 151 -14.26 13.26 -11.55
CA LYS A 151 -15.50 13.61 -12.26
C LYS A 151 -15.23 14.15 -13.67
N GLU A 152 -14.15 14.91 -13.82
CA GLU A 152 -13.73 15.48 -15.10
C GLU A 152 -12.20 15.58 -15.12
N PHE A 153 -11.56 14.91 -16.08
CA PHE A 153 -10.10 14.83 -16.15
C PHE A 153 -9.38 16.19 -16.14
N GLY A 154 -8.55 16.39 -15.12
CA GLY A 154 -7.72 17.59 -15.00
C GLY A 154 -8.43 18.81 -14.45
N ARG A 155 -9.69 18.67 -14.06
CA ARG A 155 -10.52 19.81 -13.67
C ARG A 155 -11.31 19.65 -12.36
N LYS A 156 -11.83 18.45 -12.10
CA LYS A 156 -12.72 18.24 -10.95
C LYS A 156 -12.62 16.84 -10.33
N VAL A 157 -12.61 16.79 -8.99
CA VAL A 157 -12.55 15.53 -8.23
C VAL A 157 -13.44 15.58 -6.97
N GLU A 158 -14.02 14.44 -6.59
CA GLU A 158 -14.95 14.35 -5.46
C GLU A 158 -14.48 13.40 -4.35
N VAL A 159 -14.56 13.88 -3.10
CA VAL A 159 -14.24 13.07 -1.92
C VAL A 159 -15.53 12.53 -1.28
N LEU A 160 -15.63 11.20 -1.21
CA LEU A 160 -16.81 10.54 -0.66
C LEU A 160 -16.75 10.36 0.86
N GLY A 161 -15.53 10.28 1.41
CA GLY A 161 -15.32 10.12 2.85
C GLY A 161 -13.86 10.23 3.28
N THR A 162 -13.64 10.53 4.56
CA THR A 162 -12.29 10.71 5.13
C THR A 162 -12.14 9.95 6.46
N LYS A 163 -11.02 9.20 6.58
CA LYS A 163 -10.70 8.45 7.80
C LYS A 163 -10.50 9.38 9.01
N SER A 164 -10.81 8.88 10.21
CA SER A 164 -10.66 9.67 11.44
C SER A 164 -9.24 9.65 12.02
N VAL A 165 -8.57 8.50 11.92
CA VAL A 165 -7.17 8.32 12.36
C VAL A 165 -6.33 7.53 11.33
N LEU A 166 -5.01 7.69 11.37
CA LEU A 166 -4.08 6.98 10.46
C LEU A 166 -2.63 6.95 10.98
N ALA A 167 -1.90 5.86 10.70
CA ALA A 167 -0.55 5.65 11.22
C ALA A 167 0.56 5.47 10.17
N ALA A 168 1.79 5.79 10.55
CA ALA A 168 2.97 5.67 9.66
C ALA A 168 4.29 5.35 10.41
N SER A 169 5.20 4.63 9.74
CA SER A 169 6.53 4.32 10.29
C SER A 169 7.63 5.23 9.70
N LEU A 170 8.81 5.23 10.32
CA LEU A 170 9.92 6.11 9.92
C LEU A 170 11.33 5.51 10.14
N ILE A 171 12.19 5.68 9.14
CA ILE A 171 13.63 5.37 9.26
C ILE A 171 14.44 6.66 9.06
N LYS A 172 15.21 7.05 10.08
CA LYS A 172 15.99 8.30 10.06
C LYS A 172 17.41 8.12 9.55
N GLY A 173 17.86 9.07 8.74
CA GLY A 173 19.24 9.08 8.21
C GLY A 173 20.15 10.08 8.91
N THR A 174 21.30 10.38 8.29
CA THR A 174 22.30 11.27 8.90
C THR A 174 22.03 12.77 8.72
N ALA A 175 21.16 13.12 7.78
CA ALA A 175 20.84 14.52 7.51
C ALA A 175 19.57 15.01 8.21
N LYS A 176 19.57 16.28 8.61
CA LYS A 176 18.44 16.92 9.29
C LYS A 176 17.39 17.36 8.26
N THR A 177 16.13 16.98 8.48
CA THR A 177 15.02 17.34 7.59
C THR A 177 13.97 18.20 8.30
N VAL A 178 12.94 18.64 7.57
CA VAL A 178 11.76 19.25 8.17
C VAL A 178 11.04 18.20 9.03
N ASP A 179 10.38 18.63 10.11
CA ASP A 179 9.70 17.71 11.04
C ASP A 179 8.60 16.92 10.31
N PRO A 180 8.74 15.58 10.27
CA PRO A 180 7.88 14.70 9.48
C PRO A 180 6.39 14.69 9.86
N LEU A 181 6.08 14.59 11.15
CA LEU A 181 4.69 14.47 11.59
C LEU A 181 3.88 15.76 11.45
N SER A 182 4.47 16.90 11.84
CA SER A 182 3.78 18.20 11.79
C SER A 182 3.64 18.79 10.38
N THR A 183 4.62 18.53 9.51
CA THR A 183 4.57 19.01 8.11
C THR A 183 3.47 18.31 7.31
N LEU A 184 3.37 16.99 7.45
CA LEU A 184 2.34 16.20 6.78
C LEU A 184 0.92 16.54 7.25
N GLN A 185 0.78 16.82 8.55
CA GLN A 185 -0.51 17.22 9.13
C GLN A 185 -1.00 18.57 8.56
N MET A 186 -0.05 19.50 8.37
CA MET A 186 -0.33 20.84 7.81
C MET A 186 -0.93 20.78 6.40
N LEU A 187 -0.42 19.88 5.57
CA LEU A 187 -0.88 19.74 4.18
C LEU A 187 -2.29 19.18 4.05
N HIS A 188 -2.66 18.28 4.97
CA HIS A 188 -3.97 17.58 4.92
C HIS A 188 -5.12 18.32 5.60
N GLY A 189 -4.83 19.04 6.68
CA GLY A 189 -5.86 19.78 7.42
C GLY A 189 -6.18 19.20 8.80
N ALA A 190 -7.46 19.29 9.19
CA ALA A 190 -7.92 18.85 10.52
C ALA A 190 -7.99 17.32 10.67
N GLU A 191 -8.45 16.64 9.62
CA GLU A 191 -8.58 15.19 9.61
C GLU A 191 -7.87 14.57 8.40
N PRO A 192 -7.32 13.34 8.55
CA PRO A 192 -7.22 12.51 9.77
C PRO A 192 -6.11 12.94 10.72
N VAL A 193 -6.20 12.51 11.97
CA VAL A 193 -5.15 12.75 12.97
C VAL A 193 -4.07 11.65 12.87
N PHE A 194 -2.84 12.06 12.58
CA PHE A 194 -1.73 11.12 12.37
C PHE A 194 -0.95 10.76 13.63
N ARG A 195 -0.41 9.55 13.66
CA ARG A 195 0.50 9.08 14.72
C ARG A 195 1.66 8.25 14.16
N LEU A 196 2.69 8.03 14.97
CA LEU A 196 3.86 7.22 14.58
C LEU A 196 3.82 5.80 15.13
N ALA A 197 4.14 4.83 14.28
CA ALA A 197 4.27 3.42 14.68
C ALA A 197 5.66 3.12 15.26
N LYS A 198 5.82 1.97 15.89
CA LYS A 198 7.06 1.60 16.59
C LYS A 198 8.22 1.14 15.70
N HIS A 199 7.91 0.37 14.65
CA HIS A 199 8.95 -0.25 13.80
C HIS A 199 8.44 -0.44 12.36
N PHE A 200 9.36 -0.41 11.39
CA PHE A 200 8.98 -0.54 9.97
C PHE A 200 8.57 -1.97 9.56
N LEU A 201 9.07 -2.97 10.28
CA LEU A 201 8.68 -4.36 10.05
C LEU A 201 7.31 -4.69 10.68
N GLU A 202 6.91 -3.90 11.67
CA GLU A 202 5.55 -3.95 12.23
C GLU A 202 4.53 -3.55 11.16
N MET A 203 4.81 -2.44 10.47
CA MET A 203 3.96 -1.92 9.39
C MET A 203 3.88 -2.89 8.21
N LEU A 204 4.99 -3.56 7.91
CA LEU A 204 5.07 -4.52 6.80
C LEU A 204 4.12 -5.70 6.94
N ILE A 205 4.15 -6.37 8.09
CA ILE A 205 3.36 -7.60 8.26
C ILE A 205 1.90 -7.39 8.67
N MET A 206 1.61 -6.23 9.28
CA MET A 206 0.23 -5.87 9.63
C MET A 206 -0.63 -5.51 8.41
N SER A 207 -0.07 -5.71 7.21
CA SER A 207 -0.79 -5.53 5.95
C SER A 207 -1.87 -6.60 5.74
N TYR A 208 -1.72 -7.74 6.41
CA TYR A 208 -2.61 -8.91 6.27
C TYR A 208 -2.83 -9.28 4.78
N SER A 209 -1.73 -9.50 4.06
CA SER A 209 -1.76 -9.76 2.61
C SER A 209 -2.58 -10.99 2.19
N PHE A 210 -2.86 -11.87 3.15
CA PHE A 210 -3.56 -13.14 2.90
C PHE A 210 -5.09 -13.04 2.77
N VAL A 211 -5.67 -11.88 3.10
CA VAL A 211 -7.13 -11.73 3.25
C VAL A 211 -7.95 -12.02 1.97
N HIS A 212 -7.66 -11.29 0.88
CA HIS A 212 -8.42 -11.43 -0.36
C HIS A 212 -8.21 -12.76 -1.11
N PRO A 213 -6.95 -13.25 -1.19
CA PRO A 213 -6.73 -14.58 -1.78
C PRO A 213 -7.45 -15.72 -1.04
N ALA A 214 -7.63 -15.59 0.28
CA ALA A 214 -8.31 -16.61 1.08
C ALA A 214 -9.82 -16.66 0.83
N ILE A 215 -10.43 -15.50 0.58
CA ILE A 215 -11.87 -15.40 0.30
C ILE A 215 -12.22 -15.98 -1.08
N LEU A 216 -11.34 -15.77 -2.06
CA LEU A 216 -11.50 -16.33 -3.39
C LEU A 216 -11.31 -17.85 -3.43
N PHE A 217 -10.35 -18.35 -2.64
CA PHE A 217 -10.08 -19.78 -2.51
C PHE A 217 -11.21 -20.52 -1.78
N GLY A 218 -11.83 -19.86 -0.80
CA GLY A 218 -12.93 -20.45 -0.04
C GLY A 218 -14.18 -20.77 -0.85
N ARG A 219 -14.43 -19.97 -1.90
CA ARG A 219 -15.63 -20.10 -2.71
C ARG A 219 -15.42 -20.89 -4.02
N TRP A 220 -14.28 -20.68 -4.67
CA TRP A 220 -14.01 -21.27 -5.99
C TRP A 220 -12.89 -22.33 -5.98
N GLY A 221 -12.44 -22.70 -4.79
CA GLY A 221 -11.31 -23.64 -4.62
C GLY A 221 -11.43 -24.97 -5.33
N SER A 222 -12.58 -25.62 -5.20
CA SER A 222 -12.84 -26.89 -5.86
C SER A 222 -14.07 -26.81 -6.78
N TRP A 223 -14.05 -25.82 -7.68
CA TRP A 223 -15.16 -25.56 -8.58
C TRP A 223 -15.23 -26.59 -9.71
N ASP A 224 -16.43 -27.12 -9.95
CA ASP A 224 -16.65 -28.16 -10.95
C ASP A 224 -16.79 -27.62 -12.38
N GLY A 225 -17.18 -26.36 -12.50
CA GLY A 225 -17.33 -25.70 -13.80
C GLY A 225 -18.77 -25.39 -14.19
N LYS A 226 -19.67 -25.45 -13.22
CA LYS A 226 -21.10 -25.19 -13.46
C LYS A 226 -21.50 -23.78 -13.05
N PRO A 227 -22.31 -23.10 -13.89
CA PRO A 227 -22.70 -21.70 -13.65
C PRO A 227 -23.73 -21.50 -12.53
N VAL A 228 -23.80 -20.27 -12.03
CA VAL A 228 -24.75 -19.89 -10.97
C VAL A 228 -25.74 -18.82 -11.47
N PRO A 229 -26.91 -18.69 -10.79
CA PRO A 229 -27.94 -17.71 -11.20
C PRO A 229 -27.50 -16.24 -11.19
N GLU A 230 -26.81 -15.81 -10.12
CA GLU A 230 -26.34 -14.43 -9.98
C GLU A 230 -25.06 -14.32 -9.14
N ALA A 231 -24.54 -13.10 -9.02
CA ALA A 231 -23.31 -12.84 -8.26
C ALA A 231 -23.54 -12.97 -6.74
N PRO A 232 -22.79 -13.88 -6.09
CA PRO A 232 -22.92 -14.09 -4.64
C PRO A 232 -22.16 -13.06 -3.80
N LEU A 233 -22.64 -13.00 -2.43
CA LEU A 233 -22.02 -12.01 -1.55
C LEU A 233 -20.53 -12.30 -1.36
N PHE A 234 -19.76 -11.18 -0.95
CA PHE A 234 -18.31 -11.31 -0.99
C PHE A 234 -17.73 -11.49 0.40
N TYR A 235 -17.69 -10.59 1.42
CA TYR A 235 -17.30 -10.74 2.82
C TYR A 235 -18.36 -11.49 3.64
N GLN A 236 -19.63 -11.22 3.37
CA GLN A 236 -20.75 -11.82 4.12
C GLN A 236 -21.16 -13.21 3.59
N GLY A 237 -20.40 -13.74 2.64
CA GLY A 237 -20.70 -15.04 2.04
C GLY A 237 -19.79 -16.19 2.43
N ILE A 238 -18.87 -15.95 3.36
CA ILE A 238 -17.89 -16.96 3.81
C ILE A 238 -18.53 -18.09 4.66
N ASP A 239 -17.86 -19.24 4.70
CA ASP A 239 -18.26 -20.35 5.57
C ASP A 239 -17.32 -20.51 6.78
N GLN A 240 -17.62 -21.47 7.66
CA GLN A 240 -16.82 -21.71 8.86
C GLN A 240 -15.39 -22.15 8.55
N ALA A 241 -15.23 -22.93 7.48
CA ALA A 241 -13.91 -23.41 7.03
C ALA A 241 -12.99 -22.26 6.60
N THR A 242 -13.55 -21.25 5.95
CA THR A 242 -12.81 -20.05 5.52
C THR A 242 -12.39 -19.20 6.73
N ALA A 243 -13.25 -19.15 7.75
CA ALA A 243 -12.95 -18.43 8.99
C ALA A 243 -11.78 -19.06 9.77
N ASP A 244 -11.70 -20.39 9.75
CA ASP A 244 -10.59 -21.11 10.39
C ASP A 244 -9.27 -20.94 9.64
N MET A 245 -9.36 -20.74 8.32
CA MET A 245 -8.19 -20.47 7.48
C MET A 245 -7.56 -19.12 7.82
N LEU A 246 -8.41 -18.12 8.07
CA LEU A 246 -7.96 -16.77 8.42
C LEU A 246 -7.24 -16.72 9.77
N THR A 247 -7.74 -17.50 10.74
CA THR A 247 -7.14 -17.59 12.08
C THR A 247 -5.74 -18.22 12.03
N ALA A 248 -5.57 -19.25 11.20
CA ALA A 248 -4.31 -19.96 11.06
C ALA A 248 -3.20 -19.11 10.42
N CYS A 249 -3.59 -18.29 9.44
CA CYS A 249 -2.65 -17.37 8.77
C CYS A 249 -2.22 -16.22 9.68
N SER A 250 -3.12 -15.78 10.55
CA SER A 250 -2.84 -14.73 11.54
C SER A 250 -1.88 -15.22 12.63
N ASN A 251 -2.04 -16.47 13.05
CA ASN A 251 -1.14 -17.08 14.03
C ASN A 251 0.30 -17.20 13.52
N GLU A 252 0.45 -17.45 12.21
CA GLU A 252 1.76 -17.53 11.57
C GLU A 252 2.49 -16.18 11.53
N CYS A 253 1.73 -15.09 11.44
CA CYS A 253 2.29 -13.73 11.52
C CYS A 253 2.94 -13.45 12.88
N LYS A 254 2.34 -13.97 13.94
CA LYS A 254 2.86 -13.82 15.31
C LYS A 254 4.14 -14.62 15.55
N ASP A 255 4.21 -15.84 14.99
CA ASP A 255 5.41 -16.69 15.08
C ASP A 255 6.66 -16.02 14.51
N VAL A 256 6.49 -15.32 13.40
CA VAL A 256 7.61 -14.62 12.73
C VAL A 256 8.12 -13.44 13.56
N ALA A 257 7.21 -12.66 14.13
CA ALA A 257 7.55 -11.49 14.93
C ALA A 257 8.33 -11.85 16.21
N ASN A 258 7.92 -12.93 16.88
CA ASN A 258 8.58 -13.40 18.10
C ASN A 258 10.01 -13.91 17.88
N ALA A 259 10.24 -14.50 16.70
CA ALA A 259 11.55 -15.04 16.35
C ALA A 259 12.59 -13.94 16.07
N ILE A 260 12.15 -12.83 15.50
CA ILE A 260 13.03 -11.69 15.20
C ILE A 260 13.50 -10.99 16.47
N MET A 261 12.58 -10.80 17.44
CA MET A 261 12.89 -10.14 18.70
C MET A 261 13.87 -10.91 19.58
N ALA A 262 13.80 -12.24 19.52
CA ALA A 262 14.69 -13.11 20.29
C ALA A 262 16.12 -13.14 19.72
N ALA A 263 16.23 -13.06 18.39
CA ALA A 263 17.51 -13.14 17.70
C ALA A 263 18.23 -11.79 17.61
N CYS A 264 17.45 -10.70 17.56
CA CYS A 264 17.98 -9.35 17.43
C CYS A 264 17.42 -8.40 18.50
N PRO A 265 18.02 -8.41 19.71
CA PRO A 265 17.56 -7.60 20.84
C PRO A 265 17.66 -6.08 20.59
N GLY A 266 16.63 -5.35 21.00
CA GLY A 266 16.58 -3.91 20.81
C GLY A 266 15.59 -3.46 19.74
N ASN A 267 14.95 -4.42 19.07
CA ASN A 267 13.94 -4.14 18.06
C ASN A 267 12.54 -4.47 18.59
N ASP A 268 11.70 -3.44 18.76
CA ASP A 268 10.38 -3.58 19.38
C ASP A 268 9.25 -3.85 18.39
N LEU A 269 8.78 -5.09 18.36
CA LEU A 269 7.70 -5.52 17.48
C LEU A 269 6.45 -5.99 18.25
N SER A 270 6.26 -5.45 19.45
CA SER A 270 5.21 -5.91 20.37
C SER A 270 3.77 -5.48 20.01
N ASP A 271 3.60 -4.48 19.15
CA ASP A 271 2.28 -4.02 18.67
C ASP A 271 1.64 -4.85 17.48
N VAL A 272 2.33 -5.86 17.01
CA VAL A 272 1.76 -6.89 16.15
C VAL A 272 0.69 -7.75 16.89
N LYS A 273 -0.54 -7.72 16.38
CA LYS A 273 -1.75 -8.31 17.02
C LYS A 273 -2.67 -9.33 16.26
N ASP A 274 -3.49 -10.09 16.99
CA ASP A 274 -4.48 -10.98 16.36
C ASP A 274 -5.46 -10.19 15.51
N ILE A 275 -5.90 -10.79 14.41
CA ILE A 275 -6.89 -10.16 13.50
C ILE A 275 -8.28 -10.00 14.15
N TYR A 276 -8.63 -10.93 15.05
CA TYR A 276 -9.88 -10.86 15.81
C TYR A 276 -9.89 -9.66 16.77
N GLN A 277 -8.74 -9.38 17.37
CA GLN A 277 -8.56 -8.22 18.24
C GLN A 277 -8.69 -6.91 17.46
N TRP A 278 -8.18 -6.90 16.22
CA TRP A 278 -8.23 -5.74 15.33
C TRP A 278 -9.67 -5.36 14.94
N TYR A 279 -10.48 -6.36 14.61
CA TYR A 279 -11.87 -6.14 14.21
C TYR A 279 -12.74 -5.49 15.29
N LEU A 280 -12.58 -5.94 16.53
CA LEU A 280 -13.37 -5.43 17.65
C LEU A 280 -12.97 -4.02 18.09
N GLU A 281 -11.71 -3.65 17.87
CA GLU A 281 -11.21 -2.33 18.24
C GLU A 281 -11.65 -1.21 17.28
N TYR A 282 -11.90 -1.56 16.02
CA TYR A 282 -12.19 -0.54 15.00
CA TYR A 282 -12.16 -0.57 14.95
C TYR A 282 -13.60 -0.60 14.41
N TYR A 283 -14.22 -1.76 14.42
CA TYR A 283 -15.57 -1.93 13.85
C TYR A 283 -16.69 -2.14 14.89
N HIS A 284 -16.44 -1.77 16.14
CA HIS A 284 -17.38 -2.07 17.25
C HIS A 284 -18.79 -1.51 17.07
N GLU A 285 -18.92 -0.33 16.46
CA GLU A 285 -20.21 0.33 16.30
C GLU A 285 -21.07 -0.29 15.18
N ASP A 286 -20.44 -1.06 14.30
CA ASP A 286 -21.12 -1.64 13.12
C ASP A 286 -21.45 -3.13 13.26
N ILE A 287 -20.85 -3.81 14.24
CA ILE A 287 -21.03 -5.25 14.44
C ILE A 287 -22.23 -5.56 15.33
N GLN A 288 -23.06 -6.52 14.89
CA GLN A 288 -24.25 -6.93 15.63
C GLN A 288 -23.96 -8.01 16.67
N ASP A 289 -23.16 -9.00 16.29
CA ASP A 289 -22.79 -10.13 17.15
C ASP A 289 -21.29 -10.41 17.05
N ASP A 290 -20.60 -10.39 18.20
CA ASP A 290 -19.13 -10.40 18.22
C ASP A 290 -18.45 -11.55 18.99
N HIS A 291 -19.17 -12.63 19.27
CA HIS A 291 -18.63 -13.71 20.13
C HIS A 291 -17.53 -14.57 19.49
N ASP A 292 -17.44 -14.58 18.16
CA ASP A 292 -16.29 -15.18 17.45
C ASP A 292 -16.02 -14.49 16.10
N LEU A 293 -14.96 -14.92 15.41
CA LEU A 293 -14.52 -14.30 14.16
C LEU A 293 -15.51 -14.49 13.00
N TYR A 294 -16.17 -15.64 12.96
CA TYR A 294 -17.18 -15.93 11.94
C TYR A 294 -18.38 -14.97 12.02
N HIS A 295 -18.85 -14.72 13.23
CA HIS A 295 -19.99 -13.83 13.45
C HIS A 295 -19.64 -12.35 13.32
N ALA A 296 -18.40 -12.00 13.63
CA ALA A 296 -17.92 -10.61 13.56
C ALA A 296 -17.85 -10.09 12.12
N ILE A 297 -17.47 -10.96 11.19
CA ILE A 297 -17.35 -10.59 9.77
C ILE A 297 -18.73 -10.61 9.07
N THR A 298 -19.50 -11.68 9.30
CA THR A 298 -20.79 -11.86 8.61
C THR A 298 -21.87 -10.86 9.03
N THR A 299 -21.78 -10.35 10.26
CA THR A 299 -22.77 -9.39 10.77
C THR A 299 -22.27 -7.94 10.80
N ASN A 300 -21.21 -7.66 10.05
CA ASN A 300 -20.68 -6.29 9.91
C ASN A 300 -21.51 -5.47 8.93
N LYS A 301 -22.06 -4.35 9.43
CA LYS A 301 -22.96 -3.49 8.64
C LYS A 301 -22.29 -2.77 7.48
N SER A 302 -20.98 -2.53 7.59
CA SER A 302 -20.23 -1.81 6.54
C SER A 302 -19.99 -2.65 5.28
N TYR A 303 -20.17 -3.98 5.38
CA TYR A 303 -20.00 -4.88 4.25
C TYR A 303 -21.32 -5.20 3.52
N LYS A 304 -22.34 -4.37 3.75
CA LYS A 304 -23.68 -4.60 3.20
C LYS A 304 -23.74 -4.45 1.68
N GLY A 305 -24.10 -5.53 1.00
CA GLY A 305 -24.37 -5.52 -0.44
C GLY A 305 -23.20 -5.69 -1.40
N LEU A 306 -22.04 -6.08 -0.89
CA LEU A 306 -20.82 -6.22 -1.71
C LEU A 306 -20.68 -7.63 -2.27
N VAL A 307 -20.46 -7.74 -3.58
CA VAL A 307 -20.45 -9.04 -4.29
C VAL A 307 -19.17 -9.34 -5.09
N HIS A 308 -19.04 -10.59 -5.53
CA HIS A 308 -17.94 -11.07 -6.38
C HIS A 308 -17.97 -10.47 -7.79
N PRO A 309 -16.81 -10.35 -8.46
CA PRO A 309 -16.77 -10.00 -9.88
C PRO A 309 -17.08 -11.20 -10.79
N VAL A 310 -18.01 -11.02 -11.73
CA VAL A 310 -18.48 -12.11 -12.61
C VAL A 310 -18.61 -11.70 -14.09
N LYS A 311 -18.84 -12.70 -14.95
CA LYS A 311 -19.07 -12.49 -16.40
C LYS A 311 -20.10 -13.47 -16.99
N ALA A 312 -20.67 -13.13 -18.14
CA ALA A 312 -21.77 -13.88 -18.75
C ALA A 312 -21.34 -15.13 -19.51
N VAL A 313 -21.99 -16.26 -19.21
CA VAL A 313 -21.72 -17.56 -19.84
C VAL A 313 -23.00 -18.35 -20.16
N ASP A 314 -22.82 -19.56 -20.70
CA ASP A 314 -23.94 -20.47 -21.01
C ASP A 314 -24.68 -20.87 -19.73
N GLY A 315 -25.96 -20.47 -19.63
CA GLY A 315 -26.89 -20.82 -18.59
C GLY A 315 -26.56 -20.15 -17.27
N GLY A 316 -25.94 -19.00 -17.23
CA GLY A 316 -25.69 -18.24 -16.01
C GLY A 316 -24.49 -17.32 -16.03
N VAL A 317 -23.84 -17.17 -14.88
CA VAL A 317 -22.61 -16.38 -14.73
C VAL A 317 -21.46 -17.19 -14.13
N ALA A 318 -20.22 -16.72 -14.36
CA ALA A 318 -19.01 -17.40 -13.89
C ALA A 318 -17.99 -16.39 -13.32
N PRO A 319 -17.10 -16.84 -12.40
CA PRO A 319 -16.11 -15.95 -11.78
C PRO A 319 -15.15 -15.30 -12.79
N ASP A 320 -14.93 -14.00 -12.62
CA ASP A 320 -14.04 -13.23 -13.50
C ASP A 320 -12.70 -12.96 -12.83
N PHE A 321 -11.69 -13.74 -13.20
CA PHE A 321 -10.34 -13.54 -12.72
C PHE A 321 -9.62 -12.52 -13.62
N GLY A 322 -8.41 -12.17 -13.27
CA GLY A 322 -7.73 -11.07 -13.91
C GLY A 322 -8.24 -9.64 -13.75
N ASN A 323 -8.04 -9.11 -12.56
CA ASN A 323 -8.23 -7.73 -12.29
C ASN A 323 -6.98 -7.50 -11.51
N ARG A 324 -7.08 -7.08 -10.26
CA ARG A 324 -5.92 -6.71 -9.47
C ARG A 324 -5.85 -7.30 -8.07
N TYR A 325 -6.87 -8.07 -7.71
CA TYR A 325 -6.89 -8.77 -6.42
C TYR A 325 -5.70 -9.72 -6.24
N LEU A 326 -5.19 -10.26 -7.35
CA LEU A 326 -4.08 -11.22 -7.32
C LEU A 326 -2.81 -10.68 -7.98
N THR A 327 -2.97 -9.84 -9.00
CA THR A 327 -1.83 -9.32 -9.76
C THR A 327 -0.98 -8.30 -9.00
N GLU A 328 -1.54 -7.75 -7.91
CA GLU A 328 -0.82 -6.83 -7.03
C GLU A 328 -0.52 -7.46 -5.66
N ASP A 329 -1.52 -8.08 -5.05
CA ASP A 329 -1.40 -8.61 -3.68
C ASP A 329 -0.43 -9.79 -3.50
N ILE A 330 -0.10 -10.48 -4.59
CA ILE A 330 0.85 -11.60 -4.54
C ILE A 330 2.32 -11.14 -4.67
N PRO A 331 2.71 -10.58 -5.84
CA PRO A 331 4.12 -10.19 -6.01
C PRO A 331 4.57 -9.00 -5.15
N MET A 332 3.67 -8.07 -4.86
CA MET A 332 3.90 -6.89 -4.01
C MET A 332 3.41 -6.99 -2.51
N GLY A 333 3.15 -8.23 -2.05
CA GLY A 333 2.57 -8.60 -0.78
C GLY A 333 2.96 -9.96 -0.13
N MET A 334 2.18 -10.99 -0.39
CA MET A 334 2.47 -12.37 0.10
C MET A 334 3.95 -12.89 -0.14
N ILE A 335 4.52 -12.63 -1.33
CA ILE A 335 5.88 -13.08 -1.68
C ILE A 335 6.97 -12.38 -0.83
N VAL A 336 6.74 -11.10 -0.50
CA VAL A 336 7.68 -10.33 0.33
C VAL A 336 7.73 -10.87 1.77
N PHE A 337 6.55 -11.22 2.31
CA PHE A 337 6.44 -11.83 3.64
C PHE A 337 7.15 -13.19 3.74
N LYS A 338 7.07 -13.98 2.66
CA LYS A 338 7.73 -15.29 2.59
C LYS A 338 9.26 -15.18 2.67
N GLY A 339 9.83 -14.17 2.01
CA GLY A 339 11.26 -13.91 2.06
C GLY A 339 11.81 -13.60 3.45
N VAL A 340 11.03 -12.85 4.23
CA VAL A 340 11.37 -12.51 5.61
C VAL A 340 11.34 -13.77 6.51
N ALA A 341 10.34 -14.62 6.29
CA ALA A 341 10.17 -15.86 7.05
C ALA A 341 11.33 -16.85 6.84
N ILE A 342 11.81 -16.95 5.59
CA ILE A 342 12.95 -17.82 5.25
C ILE A 342 14.23 -17.41 5.99
N ALA A 343 14.49 -16.10 6.03
CA ALA A 343 15.65 -15.54 6.73
C ALA A 343 15.62 -15.78 8.25
N ALA A 344 14.42 -15.87 8.81
CA ALA A 344 14.24 -16.10 10.25
C ALA A 344 14.17 -17.57 10.63
N GLY A 345 13.95 -18.44 9.64
CA GLY A 345 13.89 -19.89 9.85
C GLY A 345 12.56 -20.41 10.37
N VAL A 346 11.46 -19.78 9.97
CA VAL A 346 10.12 -20.15 10.43
C VAL A 346 9.27 -20.70 9.29
N ALA A 347 8.71 -21.89 9.50
CA ALA A 347 7.83 -22.53 8.52
C ALA A 347 6.40 -21.96 8.58
N ILE A 348 5.79 -21.78 7.41
CA ILE A 348 4.44 -21.21 7.29
C ILE A 348 3.54 -21.98 6.29
N PRO A 349 3.05 -23.18 6.69
CA PRO A 349 2.32 -24.10 5.79
C PRO A 349 1.00 -23.57 5.20
N SER A 350 0.25 -22.79 5.98
CA SER A 350 -1.04 -22.25 5.53
C SER A 350 -0.89 -21.14 4.48
N ASN A 351 0.10 -20.26 4.67
CA ASN A 351 0.42 -19.23 3.69
C ASN A 351 0.93 -19.80 2.37
N ASP A 352 1.70 -20.88 2.45
CA ASP A 352 2.25 -21.56 1.26
C ASP A 352 1.18 -22.11 0.32
N LYS A 353 0.11 -22.65 0.90
CA LYS A 353 -0.97 -23.29 0.14
C LYS A 353 -1.73 -22.30 -0.75
N LEU A 354 -1.95 -21.09 -0.25
CA LEU A 354 -2.64 -20.04 -0.99
C LEU A 354 -1.80 -19.45 -2.12
N ILE A 355 -0.47 -19.43 -1.92
CA ILE A 355 0.46 -18.94 -2.94
C ILE A 355 0.49 -19.83 -4.19
N MET A 356 0.55 -21.15 -3.98
CA MET A 356 0.63 -22.11 -5.09
C MET A 356 -0.63 -22.14 -5.96
N TRP A 357 -1.80 -21.96 -5.33
CA TRP A 357 -3.07 -21.94 -6.03
C TRP A 357 -3.29 -20.65 -6.82
N ALA A 358 -2.93 -19.51 -6.22
CA ALA A 358 -3.18 -18.19 -6.82
C ALA A 358 -2.30 -17.87 -8.03
N GLN A 359 -1.03 -18.25 -7.97
CA GLN A 359 -0.09 -18.00 -9.07
C GLN A 359 -0.47 -18.72 -10.37
N GLU A 360 -1.07 -19.90 -10.25
CA GLU A 360 -1.52 -20.70 -11.40
C GLU A 360 -2.72 -20.05 -12.11
N LYS A 361 -3.58 -19.38 -11.35
CA LYS A 361 -4.79 -18.76 -11.89
C LYS A 361 -4.51 -17.55 -12.77
N ILE A 362 -3.37 -16.89 -12.54
CA ILE A 362 -2.97 -15.72 -13.32
C ILE A 362 -1.87 -16.05 -14.35
N GLY A 363 -1.37 -17.29 -14.31
CA GLY A 363 -0.36 -17.76 -15.27
C GLY A 363 1.05 -17.30 -14.98
N LYS A 364 1.41 -17.21 -13.70
CA LYS A 364 2.75 -16.80 -13.27
C LYS A 364 3.40 -17.86 -12.37
N GLU A 365 4.70 -17.74 -12.14
CA GLU A 365 5.45 -18.68 -11.30
C GLU A 365 6.49 -17.97 -10.42
N TYR A 366 6.36 -18.14 -9.10
CA TYR A 366 7.27 -17.51 -8.14
C TYR A 366 7.95 -18.51 -7.19
N LEU A 367 7.17 -19.44 -6.64
CA LEU A 367 7.67 -20.42 -5.66
C LEU A 367 7.66 -21.84 -6.23
N VAL A 368 8.78 -22.55 -6.08
CA VAL A 368 8.93 -23.92 -6.56
C VAL A 368 9.59 -24.82 -5.51
N ASP A 369 8.88 -25.88 -5.10
CA ASP A 369 9.37 -26.86 -4.11
C ASP A 369 9.88 -26.23 -2.80
N GLY A 370 9.26 -25.12 -2.39
CA GLY A 370 9.64 -24.42 -1.17
C GLY A 370 10.77 -23.41 -1.30
N ALA A 371 11.20 -23.16 -2.54
CA ALA A 371 12.29 -22.24 -2.83
C ALA A 371 11.88 -21.11 -3.79
N LEU A 372 12.54 -19.97 -3.67
CA LEU A 372 12.25 -18.80 -4.51
C LEU A 372 13.06 -18.84 -5.81
N THR A 373 12.67 -19.74 -6.71
CA THR A 373 13.38 -19.95 -7.98
C THR A 373 12.47 -19.90 -9.21
N GLY A 374 11.28 -19.30 -9.05
CA GLY A 374 10.28 -19.24 -10.10
C GLY A 374 10.68 -18.44 -11.34
N LYS A 375 9.99 -18.70 -12.44
CA LYS A 375 10.25 -18.06 -13.73
C LYS A 375 10.15 -16.53 -13.68
N ASP A 376 9.18 -16.03 -12.92
CA ASP A 376 8.91 -14.59 -12.84
C ASP A 376 9.39 -13.95 -11.52
N VAL A 377 10.39 -14.56 -10.88
CA VAL A 377 10.86 -14.13 -9.55
C VAL A 377 11.48 -12.72 -9.53
N ALA A 378 11.97 -12.26 -10.67
CA ALA A 378 12.63 -10.94 -10.78
C ALA A 378 11.66 -9.77 -10.82
N THR A 379 10.35 -10.05 -10.90
CA THR A 379 9.32 -9.01 -10.91
C THR A 379 8.71 -8.76 -9.53
N THR A 380 9.32 -9.33 -8.48
CA THR A 380 8.83 -9.18 -7.10
C THR A 380 9.73 -8.25 -6.26
N ARG A 381 9.37 -8.10 -4.98
CA ARG A 381 10.10 -7.21 -4.06
C ARG A 381 10.72 -7.93 -2.84
N CYS A 382 10.87 -9.26 -2.92
CA CYS A 382 11.49 -10.03 -1.84
C CYS A 382 12.97 -9.61 -1.65
N PRO A 383 13.44 -9.55 -0.39
CA PRO A 383 14.81 -9.09 -0.07
C PRO A 383 15.94 -9.83 -0.79
N GLN A 384 15.74 -11.11 -1.09
CA GLN A 384 16.76 -11.93 -1.77
C GLN A 384 16.99 -11.54 -3.23
N ARG A 385 15.99 -10.90 -3.84
CA ARG A 385 16.09 -10.41 -5.22
C ARG A 385 17.15 -9.32 -5.36
N TYR A 386 17.38 -8.57 -4.28
CA TYR A 386 18.36 -7.48 -4.28
C TYR A 386 19.69 -7.86 -3.59
N GLY A 387 19.77 -9.09 -3.08
CA GLY A 387 20.99 -9.59 -2.46
C GLY A 387 21.10 -9.38 -0.96
N PHE A 388 19.98 -9.06 -0.31
CA PHE A 388 19.93 -8.99 1.15
C PHE A 388 19.47 -10.34 1.71
N ASN A 389 20.44 -11.13 2.19
CA ASN A 389 20.20 -12.53 2.53
C ASN A 389 20.12 -12.86 4.03
N THR A 390 20.53 -11.93 4.88
CA THR A 390 20.51 -12.12 6.33
C THR A 390 19.62 -11.10 7.06
N LEU A 391 19.28 -11.38 8.32
CA LEU A 391 18.49 -10.47 9.14
C LEU A 391 19.20 -9.14 9.42
N ASP A 392 20.52 -9.19 9.56
CA ASP A 392 21.33 -7.98 9.77
C ASP A 392 21.31 -7.08 8.53
N ALA A 393 21.37 -7.70 7.35
CA ALA A 393 21.30 -6.98 6.07
C ALA A 393 19.93 -6.37 5.80
N ILE A 394 18.87 -7.08 6.24
CA ILE A 394 17.49 -6.60 6.14
C ILE A 394 17.25 -5.35 7.00
N LEU A 395 17.84 -5.33 8.20
CA LEU A 395 17.67 -4.24 9.15
C LEU A 395 18.49 -2.98 8.83
N THR A 396 19.76 -3.17 8.45
CA THR A 396 20.71 -2.06 8.30
C THR A 396 20.94 -1.60 6.85
N GLY A 397 20.90 -2.55 5.92
CA GLY A 397 21.18 -2.26 4.51
C GLY A 397 22.65 -2.43 4.13
N LYS A 398 23.41 -3.09 4.99
CA LYS A 398 24.84 -3.31 4.79
C LYS A 398 25.18 -4.77 4.52
N LYS A 399 26.07 -5.00 3.55
CA LYS A 399 26.50 -6.36 3.17
C LYS A 399 27.92 -6.66 3.68
N HIS A 400 28.15 -7.93 4.01
CA HIS A 400 29.43 -8.37 4.60
C HIS A 400 30.51 -8.64 3.56
N HIS A 401 31.76 -8.30 3.91
CA HIS A 401 32.93 -8.52 3.05
C HIS A 401 34.02 -9.29 3.79
N HIS A 402 34.70 -10.19 3.09
CA HIS A 402 35.82 -10.96 3.66
C HIS A 402 37.15 -10.20 3.50
N HIS A 403 38.13 -10.57 4.34
CA HIS A 403 39.48 -10.01 4.26
C HIS A 403 40.56 -11.10 4.25
N HIS A 404 41.54 -10.95 3.35
CA HIS A 404 42.67 -11.88 3.30
C HIS A 404 43.76 -11.42 4.27
#